data_3FAU
#
_entry.id   3FAU
#
_cell.length_a   34.490
_cell.length_b   57.106
_cell.length_c   71.356
_cell.angle_alpha   90.000
_cell.angle_beta   97.910
_cell.angle_gamma   90.000
#
_symmetry.space_group_name_H-M   'P 1 21 1'
#
loop_
_entity.id
_entity.type
_entity.pdbx_description
1 polymer 'NEDD4-binding protein 2'
2 water water
#
_entity_poly.entity_id   1
_entity_poly.type   'polypeptide(L)'
_entity_poly.pdbx_seq_one_letter_code
;GSLDLHGLHVDEALEHLMRVLEKKTEEFKQNGGKPYLSVITGRGNHSQGGVARIKPAVIKYLISHSFRFSEIKPGCLKVM
LK
;
_entity_poly.pdbx_strand_id   A,B,C,D
#
# COMPACT_ATOMS: atom_id res chain seq x y z
N SER A 2 -2.22 0.40 11.85
CA SER A 2 -3.26 -0.62 11.76
C SER A 2 -3.30 -1.22 10.35
N LEU A 3 -3.72 -2.48 10.27
CA LEU A 3 -4.06 -3.08 9.01
C LEU A 3 -5.44 -2.59 8.59
N ASP A 4 -5.53 -1.91 7.45
CA ASP A 4 -6.77 -1.22 7.09
C ASP A 4 -7.54 -2.02 6.03
N LEU A 5 -8.66 -2.62 6.44
CA LEU A 5 -9.43 -3.43 5.52
C LEU A 5 -10.67 -2.73 5.02
N HIS A 6 -10.91 -1.53 5.54
CA HIS A 6 -12.14 -0.80 5.27
C HIS A 6 -12.30 -0.50 3.78
N GLY A 7 -13.49 -0.77 3.25
CA GLY A 7 -13.80 -0.48 1.87
C GLY A 7 -13.42 -1.58 0.90
N LEU A 8 -12.80 -2.66 1.41
CA LEU A 8 -12.43 -3.78 0.58
C LEU A 8 -13.59 -4.76 0.53
N HIS A 9 -13.76 -5.44 -0.61
CA HIS A 9 -14.74 -6.52 -0.74
C HIS A 9 -14.37 -7.62 0.26
N VAL A 10 -15.36 -8.36 0.76
CA VAL A 10 -15.13 -9.32 1.83
C VAL A 10 -14.03 -10.34 1.51
N ASP A 11 -14.13 -10.97 0.33
CA ASP A 11 -13.18 -12.00 -0.07
C ASP A 11 -11.73 -11.47 -0.08
N GLU A 12 -11.56 -10.28 -0.63
CA GLU A 12 -10.24 -9.66 -0.72
C GLU A 12 -9.74 -9.23 0.65
N ALA A 13 -10.62 -8.61 1.43
CA ALA A 13 -10.28 -8.23 2.81
C ALA A 13 -9.79 -9.43 3.60
N LEU A 14 -10.53 -10.55 3.52
CA LEU A 14 -10.20 -11.75 4.28
C LEU A 14 -8.87 -12.33 3.85
N GLU A 15 -8.63 -12.42 2.55
CA GLU A 15 -7.33 -12.91 2.09
C GLU A 15 -6.19 -12.03 2.59
N HIS A 16 -6.35 -10.72 2.49
CA HIS A 16 -5.29 -9.80 2.93
C HIS A 16 -5.02 -9.97 4.43
N LEU A 17 -6.09 -10.05 5.21
CA LEU A 17 -5.99 -10.27 6.66
C LEU A 17 -5.23 -11.56 6.96
N MET A 18 -5.59 -12.65 6.28
CA MET A 18 -4.88 -13.93 6.47
C MET A 18 -3.39 -13.81 6.18
N ARG A 19 -3.04 -13.19 5.06
CA ARG A 19 -1.65 -13.07 4.66
C ARG A 19 -0.86 -12.15 5.58
N VAL A 20 -1.49 -11.04 5.98
CA VAL A 20 -0.81 -10.11 6.86
C VAL A 20 -0.62 -10.70 8.26
N LEU A 21 -1.67 -11.31 8.80
CA LEU A 21 -1.55 -11.92 10.13
C LEU A 21 -0.50 -13.01 10.12
N GLU A 22 -0.43 -13.77 9.03
CA GLU A 22 0.59 -14.80 8.88
C GLU A 22 1.97 -14.19 9.05
N LYS A 23 2.23 -13.09 8.36
CA LYS A 23 3.54 -12.43 8.48
C LYS A 23 3.79 -11.77 9.83
N LYS A 24 2.77 -11.13 10.39
CA LYS A 24 2.90 -10.55 11.73
C LYS A 24 3.05 -11.60 12.85
N THR A 25 2.33 -12.71 12.76
CA THR A 25 2.46 -13.74 13.80
C THR A 25 3.83 -14.40 13.68
N GLU A 26 4.27 -14.61 12.45
CA GLU A 26 5.60 -15.16 12.23
C GLU A 26 6.66 -14.25 12.82
N GLU A 27 6.52 -12.94 12.57
CA GLU A 27 7.46 -11.95 13.12
C GLU A 27 7.51 -11.97 14.64
N PHE A 28 6.34 -12.00 15.27
CA PHE A 28 6.31 -12.09 16.73
C PHE A 28 6.90 -13.40 17.25
N LYS A 29 6.58 -14.51 16.58
CA LYS A 29 7.11 -15.81 17.02
C LYS A 29 8.63 -15.86 16.92
N GLN A 30 9.17 -15.18 15.91
CA GLN A 30 10.61 -15.22 15.64
C GLN A 30 11.38 -14.18 16.43
N ASN A 31 10.73 -13.07 16.75
CA ASN A 31 11.41 -11.93 17.35
C ASN A 31 10.84 -11.35 18.62
N GLY A 32 9.69 -11.83 19.06
CA GLY A 32 9.02 -11.21 20.20
C GLY A 32 8.67 -9.78 19.81
N GLY A 33 8.50 -8.92 20.80
CA GLY A 33 8.18 -7.53 20.52
C GLY A 33 6.70 -7.24 20.53
N LYS A 34 6.24 -6.32 19.70
CA LYS A 34 4.84 -5.91 19.67
C LYS A 34 3.92 -7.14 19.58
N PRO A 35 3.08 -7.35 20.61
CA PRO A 35 2.36 -8.63 20.66
C PRO A 35 0.97 -8.61 20.01
N TYR A 36 0.63 -7.54 19.28
CA TYR A 36 -0.70 -7.45 18.68
C TYR A 36 -0.62 -6.75 17.34
N LEU A 37 -1.71 -6.81 16.61
CA LEU A 37 -1.86 -6.07 15.37
C LEU A 37 -3.24 -5.43 15.45
N SER A 38 -3.34 -4.13 15.26
CA SER A 38 -4.69 -3.54 15.21
C SER A 38 -5.23 -3.66 13.80
N VAL A 39 -6.51 -3.97 13.71
CA VAL A 39 -7.17 -4.25 12.43
C VAL A 39 -8.40 -3.38 12.28
N ILE A 40 -8.43 -2.58 11.22
CA ILE A 40 -9.61 -1.75 10.97
C ILE A 40 -10.57 -2.50 10.08
N THR A 41 -11.67 -2.97 10.65
CA THR A 41 -12.70 -3.64 9.86
C THR A 41 -13.63 -2.62 9.19
N GLY A 42 -13.71 -1.44 9.79
CA GLY A 42 -14.25 -0.28 9.12
C GLY A 42 -15.68 0.12 9.36
N ARG A 43 -16.09 1.17 8.65
CA ARG A 43 -17.43 1.78 8.73
C ARG A 43 -17.98 1.86 10.15
N ARG A 53 -20.50 -5.98 6.03
CA ARG A 53 -20.19 -7.33 5.57
C ARG A 53 -18.85 -7.85 6.08
N ILE A 54 -17.85 -6.97 6.22
CA ILE A 54 -16.53 -7.50 6.52
C ILE A 54 -16.31 -7.81 7.99
N LYS A 55 -16.97 -7.11 8.91
CA LYS A 55 -16.75 -7.41 10.33
C LYS A 55 -17.06 -8.87 10.71
N PRO A 56 -18.26 -9.36 10.36
CA PRO A 56 -18.55 -10.75 10.78
C PRO A 56 -17.57 -11.76 10.19
N ALA A 57 -17.21 -11.60 8.93
CA ALA A 57 -16.28 -12.54 8.33
C ALA A 57 -14.92 -12.47 9.03
N VAL A 58 -14.47 -11.26 9.37
CA VAL A 58 -13.21 -11.11 10.12
C VAL A 58 -13.30 -11.79 11.47
N ILE A 59 -14.35 -11.48 12.22
CA ILE A 59 -14.54 -12.07 13.54
C ILE A 59 -14.64 -13.60 13.49
N LYS A 60 -15.39 -14.13 12.54
CA LYS A 60 -15.50 -15.58 12.34
C LYS A 60 -14.12 -16.20 12.14
N TYR A 61 -13.35 -15.60 11.25
CA TYR A 61 -11.99 -16.07 10.98
C TYR A 61 -11.10 -16.01 12.22
N LEU A 62 -11.10 -14.88 12.94
CA LEU A 62 -10.29 -14.74 14.14
C LEU A 62 -10.64 -15.81 15.18
N ILE A 63 -11.93 -15.97 15.45
CA ILE A 63 -12.37 -16.96 16.42
C ILE A 63 -11.99 -18.39 16.00
N SER A 64 -12.22 -18.72 14.72
CA SER A 64 -11.97 -20.05 14.17
C SER A 64 -10.51 -20.44 14.25
N HIS A 65 -9.64 -19.44 14.28
CA HIS A 65 -8.21 -19.69 14.27
C HIS A 65 -7.58 -19.37 15.62
N SER A 66 -8.43 -19.17 16.61
CA SER A 66 -8.01 -19.03 18.00
C SER A 66 -7.19 -17.77 18.25
N PHE A 67 -7.46 -16.73 17.48
CA PHE A 67 -6.85 -15.42 17.74
C PHE A 67 -7.64 -14.74 18.84
N ARG A 68 -6.99 -14.42 19.97
CA ARG A 68 -7.63 -13.58 20.98
C ARG A 68 -7.70 -12.14 20.46
N PHE A 69 -8.81 -11.47 20.74
CA PHE A 69 -9.00 -10.11 20.25
C PHE A 69 -9.99 -9.36 21.13
N SER A 70 -9.94 -8.03 21.03
CA SER A 70 -10.85 -7.16 21.76
C SER A 70 -11.01 -5.89 20.94
N GLU A 71 -12.02 -5.11 21.26
CA GLU A 71 -12.35 -3.94 20.44
C GLU A 71 -11.71 -2.71 21.07
N ILE A 72 -10.90 -2.01 20.28
CA ILE A 72 -10.33 -0.72 20.67
C ILE A 72 -11.44 0.34 20.60
N LYS A 73 -12.10 0.38 19.45
CA LYS A 73 -13.28 1.23 19.23
C LYS A 73 -14.09 0.60 18.11
N PRO A 74 -15.35 1.04 17.93
CA PRO A 74 -16.13 0.42 16.85
C PRO A 74 -15.38 0.45 15.51
N GLY A 75 -15.28 -0.72 14.89
CA GLY A 75 -14.60 -0.87 13.63
C GLY A 75 -13.10 -1.12 13.72
N CYS A 76 -12.58 -1.27 14.93
CA CYS A 76 -11.13 -1.43 15.09
C CYS A 76 -10.80 -2.43 16.20
N LEU A 77 -10.06 -3.48 15.82
CA LEU A 77 -9.83 -4.59 16.71
C LEU A 77 -8.37 -4.67 17.12
N LYS A 78 -8.14 -5.02 18.37
CA LYS A 78 -6.79 -5.38 18.82
C LYS A 78 -6.68 -6.91 18.77
N VAL A 79 -5.84 -7.41 17.86
CA VAL A 79 -5.70 -8.85 17.66
C VAL A 79 -4.38 -9.32 18.26
N MET A 80 -4.43 -10.23 19.23
CA MET A 80 -3.20 -10.77 19.79
C MET A 80 -2.49 -11.73 18.82
N LEU A 81 -1.17 -11.63 18.75
CA LEU A 81 -0.39 -12.47 17.86
C LEU A 81 0.03 -13.76 18.54
N SER B 2 -0.99 -15.02 -17.40
CA SER B 2 -0.01 -14.13 -16.80
C SER B 2 0.50 -13.09 -17.80
N LEU B 3 0.71 -11.87 -17.33
CA LEU B 3 1.43 -10.88 -18.09
C LEU B 3 2.92 -11.14 -17.94
N ASP B 4 3.58 -11.57 -19.01
CA ASP B 4 5.00 -11.95 -18.93
C ASP B 4 5.90 -10.78 -19.33
N LEU B 5 6.57 -10.21 -18.32
CA LEU B 5 7.40 -9.04 -18.52
C LEU B 5 8.90 -9.36 -18.53
N HIS B 6 9.28 -10.60 -18.25
CA HIS B 6 10.69 -10.88 -18.04
C HIS B 6 11.50 -10.57 -19.30
N GLY B 7 12.69 -10.04 -19.11
CA GLY B 7 13.62 -9.88 -20.22
C GLY B 7 13.46 -8.62 -21.04
N LEU B 8 12.43 -7.83 -20.72
CA LEU B 8 12.14 -6.59 -21.42
C LEU B 8 12.99 -5.46 -20.88
N HIS B 9 13.21 -4.43 -21.69
CA HIS B 9 13.79 -3.20 -21.16
C HIS B 9 12.81 -2.69 -20.12
N VAL B 10 13.33 -2.10 -19.05
CA VAL B 10 12.52 -1.71 -17.90
C VAL B 10 11.37 -0.76 -18.24
N ASP B 11 11.65 0.25 -19.05
CA ASP B 11 10.63 1.24 -19.36
C ASP B 11 9.49 0.63 -20.18
N GLU B 12 9.80 -0.32 -21.05
CA GLU B 12 8.74 -1.02 -21.80
C GLU B 12 7.97 -2.03 -20.94
N ALA B 13 8.66 -2.74 -20.06
CA ALA B 13 7.98 -3.60 -19.08
C ALA B 13 7.01 -2.79 -18.23
N LEU B 14 7.44 -1.63 -17.76
CA LEU B 14 6.60 -0.81 -16.90
C LEU B 14 5.41 -0.23 -17.66
N GLU B 15 5.60 0.09 -18.94
CA GLU B 15 4.52 0.68 -19.72
C GLU B 15 3.43 -0.37 -19.91
N HIS B 16 3.84 -1.58 -20.24
CA HIS B 16 2.91 -2.69 -20.39
C HIS B 16 2.13 -2.92 -19.09
N LEU B 17 2.85 -3.01 -17.98
CA LEU B 17 2.24 -3.14 -16.66
C LEU B 17 1.13 -2.11 -16.40
N MET B 18 1.43 -0.85 -16.63
CA MET B 18 0.43 0.21 -16.38
C MET B 18 -0.76 0.08 -17.30
N ARG B 19 -0.47 -0.11 -18.58
CA ARG B 19 -1.51 -0.27 -19.60
C ARG B 19 -2.41 -1.44 -19.25
N VAL B 20 -1.80 -2.58 -18.91
CA VAL B 20 -2.55 -3.80 -18.63
C VAL B 20 -3.31 -3.77 -17.30
N LEU B 21 -2.69 -3.27 -16.24
CA LEU B 21 -3.43 -3.08 -14.99
C LEU B 21 -4.66 -2.21 -15.24
N GLU B 22 -4.51 -1.14 -16.01
CA GLU B 22 -5.69 -0.32 -16.25
C GLU B 22 -6.79 -1.03 -17.06
N LYS B 23 -6.41 -1.71 -18.14
CA LYS B 23 -7.36 -2.52 -18.90
C LYS B 23 -8.06 -3.56 -18.02
N LYS B 24 -7.28 -4.31 -17.25
CA LYS B 24 -7.82 -5.40 -16.45
C LYS B 24 -8.74 -4.88 -15.35
N THR B 25 -8.41 -3.72 -14.80
CA THR B 25 -9.22 -3.10 -13.76
C THR B 25 -10.58 -2.67 -14.31
N GLU B 26 -10.58 -2.08 -15.50
CA GLU B 26 -11.83 -1.75 -16.19
C GLU B 26 -12.65 -3.00 -16.52
N GLU B 27 -11.99 -4.05 -16.98
CA GLU B 27 -12.69 -5.32 -17.23
C GLU B 27 -13.29 -5.88 -15.93
N PHE B 28 -12.53 -5.78 -14.85
CA PHE B 28 -12.96 -6.27 -13.54
C PHE B 28 -14.22 -5.54 -13.07
N LYS B 29 -14.29 -4.24 -13.35
CA LYS B 29 -15.40 -3.44 -12.83
C LYS B 29 -16.67 -3.48 -13.68
N GLN B 30 -16.51 -3.63 -14.99
CA GLN B 30 -17.68 -3.63 -15.84
C GLN B 30 -18.15 -5.05 -16.13
N ASN B 31 -17.23 -5.99 -16.14
CA ASN B 31 -17.58 -7.39 -16.34
C ASN B 31 -17.28 -8.20 -15.08
N GLY B 32 -17.26 -9.51 -15.20
CA GLY B 32 -16.89 -10.33 -14.07
C GLY B 32 -15.39 -10.57 -14.02
N GLY B 33 -15.02 -11.79 -13.71
CA GLY B 33 -13.64 -12.21 -13.83
C GLY B 33 -12.75 -11.87 -12.65
N LYS B 34 -11.45 -11.93 -12.91
CA LYS B 34 -10.44 -11.93 -11.87
C LYS B 34 -10.21 -10.58 -11.23
N PRO B 35 -10.18 -10.57 -9.90
CA PRO B 35 -9.84 -9.39 -9.09
C PRO B 35 -8.33 -9.18 -9.02
N TYR B 36 -7.55 -10.00 -9.72
CA TYR B 36 -6.07 -9.89 -9.70
C TYR B 36 -5.50 -10.00 -11.12
N LEU B 37 -4.21 -9.70 -11.24
CA LEU B 37 -3.46 -9.95 -12.45
C LEU B 37 -2.17 -10.66 -12.04
N SER B 38 -1.87 -11.81 -12.65
CA SER B 38 -0.58 -12.46 -12.38
C SER B 38 0.45 -11.92 -13.35
N VAL B 39 1.65 -11.67 -12.81
CA VAL B 39 2.71 -11.00 -13.57
C VAL B 39 4.00 -11.78 -13.41
N ILE B 40 4.64 -12.12 -14.53
CA ILE B 40 5.94 -12.81 -14.53
C ILE B 40 7.05 -11.79 -14.68
N THR B 41 7.93 -11.72 -13.68
CA THR B 41 8.97 -10.69 -13.62
C THR B 41 10.38 -11.26 -13.77
N GLY B 42 10.53 -12.56 -13.50
CA GLY B 42 11.85 -13.14 -13.24
C GLY B 42 12.26 -12.95 -11.78
N ARG B 43 13.32 -13.61 -11.35
CA ARG B 43 13.68 -13.65 -9.94
C ARG B 43 14.80 -12.70 -9.55
N GLY B 44 15.36 -11.98 -10.53
CA GLY B 44 16.49 -11.10 -10.29
C GLY B 44 16.16 -10.04 -9.25
N ASN B 45 16.99 -9.91 -8.21
CA ASN B 45 16.64 -9.01 -7.10
C ASN B 45 17.26 -7.60 -7.10
N HIS B 46 18.37 -7.44 -7.79
CA HIS B 46 19.13 -6.19 -7.67
C HIS B 46 18.97 -5.33 -8.89
N SER B 47 19.26 -4.03 -8.76
CA SER B 47 19.51 -3.20 -9.92
C SER B 47 20.89 -3.59 -10.52
N GLN B 48 21.15 -3.18 -11.75
CA GLN B 48 22.43 -3.41 -12.41
C GLN B 48 22.89 -2.05 -12.95
N GLY B 49 23.94 -1.50 -12.36
CA GLY B 49 24.35 -0.14 -12.71
C GLY B 49 23.32 0.90 -12.30
N GLY B 50 22.59 0.61 -11.22
CA GLY B 50 21.54 1.50 -10.75
C GLY B 50 20.23 1.36 -11.51
N VAL B 51 20.21 0.52 -12.54
CA VAL B 51 19.03 0.34 -13.37
C VAL B 51 18.26 -0.91 -12.92
N ALA B 52 17.00 -0.73 -12.49
CA ALA B 52 16.20 -1.84 -11.97
C ALA B 52 16.12 -3.00 -12.94
N ARG B 53 16.36 -4.22 -12.43
CA ARG B 53 15.93 -5.42 -13.12
C ARG B 53 14.42 -5.41 -13.10
N ILE B 54 13.78 -6.33 -13.82
CA ILE B 54 12.32 -6.26 -13.97
C ILE B 54 11.63 -6.46 -12.63
N LYS B 55 12.07 -7.44 -11.85
CA LYS B 55 11.42 -7.69 -10.55
C LYS B 55 11.42 -6.45 -9.60
N PRO B 56 12.58 -5.84 -9.36
CA PRO B 56 12.59 -4.62 -8.52
C PRO B 56 11.81 -3.47 -9.15
N ALA B 57 11.90 -3.30 -10.48
CA ALA B 57 11.15 -2.23 -11.12
C ALA B 57 9.64 -2.39 -10.90
N VAL B 58 9.14 -3.62 -11.09
CA VAL B 58 7.73 -3.90 -10.93
C VAL B 58 7.31 -3.77 -9.48
N ILE B 59 8.08 -4.38 -8.59
CA ILE B 59 7.72 -4.37 -7.18
C ILE B 59 7.79 -2.94 -6.59
N LYS B 60 8.83 -2.19 -6.96
CA LYS B 60 8.90 -0.78 -6.56
C LYS B 60 7.64 -0.03 -7.00
N TYR B 61 7.25 -0.27 -8.24
CA TYR B 61 6.06 0.39 -8.77
C TYR B 61 4.82 0.00 -7.97
N LEU B 62 4.67 -1.30 -7.72
CA LEU B 62 3.47 -1.76 -7.01
C LEU B 62 3.42 -1.17 -5.61
N ILE B 63 4.54 -1.23 -4.88
CA ILE B 63 4.58 -0.69 -3.52
C ILE B 63 4.28 0.82 -3.52
N SER B 64 4.94 1.56 -4.42
CA SER B 64 4.79 3.02 -4.57
C SER B 64 3.36 3.44 -4.91
N HIS B 65 2.60 2.55 -5.54
CA HIS B 65 1.27 2.86 -6.01
C HIS B 65 0.18 2.15 -5.22
N SER B 66 0.55 1.67 -4.03
CA SER B 66 -0.39 1.13 -3.06
C SER B 66 -1.09 -0.13 -3.54
N PHE B 67 -0.41 -0.96 -4.32
CA PHE B 67 -0.97 -2.25 -4.73
C PHE B 67 -0.68 -3.32 -3.69
N ARG B 68 -1.70 -4.10 -3.33
CA ARG B 68 -1.50 -5.33 -2.59
C ARG B 68 -1.03 -6.42 -3.56
N PHE B 69 -0.01 -7.18 -3.18
CA PHE B 69 0.44 -8.29 -4.02
C PHE B 69 1.09 -9.38 -3.18
N SER B 70 1.22 -10.56 -3.78
CA SER B 70 1.86 -11.67 -3.10
C SER B 70 2.55 -12.55 -4.14
N GLU B 71 3.38 -13.47 -3.70
CA GLU B 71 4.11 -14.30 -4.64
C GLU B 71 3.34 -15.59 -4.88
N ILE B 72 3.16 -15.95 -6.15
CA ILE B 72 2.54 -17.23 -6.48
C ILE B 72 3.63 -18.31 -6.45
N LYS B 73 4.75 -18.00 -7.08
CA LYS B 73 5.91 -18.89 -7.11
C LYS B 73 7.08 -17.99 -7.50
N PRO B 74 8.32 -18.47 -7.33
CA PRO B 74 9.42 -17.53 -7.60
C PRO B 74 9.33 -16.92 -9.00
N GLY B 75 9.41 -15.60 -9.06
CA GLY B 75 9.36 -14.87 -10.31
C GLY B 75 7.96 -14.53 -10.82
N CYS B 76 6.94 -14.86 -10.04
CA CYS B 76 5.56 -14.65 -10.50
C CYS B 76 4.71 -14.11 -9.37
N LEU B 77 4.13 -12.92 -9.60
CA LEU B 77 3.34 -12.23 -8.59
C LEU B 77 1.84 -12.24 -8.90
N LYS B 78 1.04 -12.28 -7.84
CA LYS B 78 -0.39 -12.04 -7.95
C LYS B 78 -0.65 -10.60 -7.49
N VAL B 79 -1.14 -9.78 -8.40
CA VAL B 79 -1.34 -8.35 -8.09
C VAL B 79 -2.83 -8.06 -7.99
N MET B 80 -3.25 -7.55 -6.84
CA MET B 80 -4.67 -7.26 -6.63
C MET B 80 -5.05 -5.96 -7.36
N LEU B 81 -6.15 -6.01 -8.10
CA LEU B 81 -6.63 -4.87 -8.89
C LEU B 81 -7.39 -3.89 -8.01
N LYS B 82 -7.38 -2.62 -8.39
CA LYS B 82 -8.09 -1.56 -7.69
C LYS B 82 -9.57 -1.51 -8.07
N GLY C 1 27.05 4.63 5.34
CA GLY C 1 27.10 4.49 6.78
C GLY C 1 25.69 4.37 7.35
N SER C 2 24.84 5.31 6.96
CA SER C 2 23.41 5.17 7.14
C SER C 2 22.66 5.81 5.98
N LEU C 3 21.84 5.01 5.32
CA LEU C 3 20.92 5.52 4.30
C LEU C 3 19.67 6.01 5.03
N ASP C 4 19.37 7.31 4.89
CA ASP C 4 18.31 7.95 5.65
C ASP C 4 17.12 8.23 4.73
N LEU C 5 16.08 7.41 4.82
CA LEU C 5 14.92 7.52 3.95
C LEU C 5 13.72 8.26 4.58
N HIS C 6 13.87 8.63 5.85
CA HIS C 6 12.84 9.33 6.63
C HIS C 6 12.41 10.60 5.88
N GLY C 7 11.12 10.72 5.56
CA GLY C 7 10.63 11.95 4.94
C GLY C 7 10.60 11.97 3.42
N LEU C 8 11.17 10.95 2.78
CA LEU C 8 11.10 10.83 1.33
C LEU C 8 9.70 10.34 0.90
N HIS C 9 9.31 10.60 -0.35
CA HIS C 9 8.18 9.85 -0.90
C HIS C 9 8.60 8.38 -1.11
N VAL C 10 7.62 7.47 -1.08
CA VAL C 10 7.93 6.04 -1.11
C VAL C 10 8.71 5.66 -2.37
N ASP C 11 8.29 6.17 -3.52
CA ASP C 11 8.97 5.80 -4.76
C ASP C 11 10.47 6.13 -4.72
N GLU C 12 10.79 7.34 -4.30
CA GLU C 12 12.20 7.77 -4.23
C GLU C 12 12.97 6.98 -3.16
N ALA C 13 12.31 6.70 -2.04
CA ALA C 13 12.90 5.93 -0.96
C ALA C 13 13.32 4.54 -1.45
N LEU C 14 12.41 3.85 -2.14
CA LEU C 14 12.74 2.54 -2.69
C LEU C 14 13.79 2.61 -3.79
N GLU C 15 13.78 3.70 -4.55
CA GLU C 15 14.82 3.90 -5.57
C GLU C 15 16.20 3.99 -4.94
N HIS C 16 16.34 4.79 -3.90
CA HIS C 16 17.62 4.90 -3.19
C HIS C 16 18.03 3.60 -2.53
N LEU C 17 17.07 2.94 -1.89
CA LEU C 17 17.28 1.64 -1.27
C LEU C 17 17.83 0.63 -2.27
N MET C 18 17.22 0.54 -3.45
CA MET C 18 17.70 -0.39 -4.48
C MET C 18 19.13 -0.08 -4.91
N ARG C 19 19.36 1.15 -5.33
CA ARG C 19 20.68 1.55 -5.81
C ARG C 19 21.79 1.37 -4.77
N VAL C 20 21.48 1.72 -3.53
CA VAL C 20 22.49 1.61 -2.48
C VAL C 20 22.74 0.14 -2.10
N LEU C 21 21.70 -0.68 -2.09
CA LEU C 21 21.91 -2.11 -1.83
C LEU C 21 22.80 -2.72 -2.92
N GLU C 22 22.58 -2.35 -4.18
CA GLU C 22 23.43 -2.87 -5.25
C GLU C 22 24.89 -2.45 -5.01
N LYS C 23 25.07 -1.15 -4.83
CA LYS C 23 26.40 -0.58 -4.63
C LYS C 23 27.14 -1.15 -3.41
N LYS C 24 26.47 -1.22 -2.27
CA LYS C 24 27.10 -1.72 -1.05
C LYS C 24 27.35 -3.23 -1.16
N THR C 25 26.49 -3.93 -1.86
CA THR C 25 26.70 -5.37 -2.09
C THR C 25 27.90 -5.61 -3.00
N GLU C 26 27.97 -4.87 -4.11
CA GLU C 26 29.08 -5.03 -5.03
C GLU C 26 30.41 -4.77 -4.32
N GLU C 27 30.41 -3.73 -3.49
CA GLU C 27 31.59 -3.40 -2.70
C GLU C 27 31.97 -4.45 -1.66
N PHE C 28 31.00 -4.91 -0.89
CA PHE C 28 31.26 -5.86 0.19
C PHE C 28 31.84 -7.15 -0.37
N LYS C 29 31.39 -7.54 -1.56
CA LYS C 29 31.87 -8.79 -2.13
C LYS C 29 33.23 -8.64 -2.80
N GLN C 30 33.49 -7.50 -3.43
CA GLN C 30 34.80 -7.25 -4.00
C GLN C 30 35.87 -6.98 -2.92
N ASN C 31 35.59 -6.13 -1.93
CA ASN C 31 36.63 -5.76 -0.96
C ASN C 31 36.24 -5.87 0.52
N GLY C 32 35.11 -6.52 0.79
CA GLY C 32 34.71 -6.81 2.16
C GLY C 32 34.23 -5.58 2.92
N GLY C 33 34.53 -5.58 4.21
CA GLY C 33 34.09 -4.51 5.09
C GLY C 33 32.84 -4.89 5.84
N LYS C 34 32.02 -3.90 6.18
CA LYS C 34 30.81 -4.16 6.93
C LYS C 34 29.83 -4.99 6.10
N PRO C 35 29.27 -6.05 6.71
CA PRO C 35 28.38 -6.99 6.02
C PRO C 35 26.92 -6.52 5.98
N TYR C 36 26.67 -5.25 6.20
CA TYR C 36 25.29 -4.79 6.29
C TYR C 36 25.15 -3.32 5.93
N LEU C 37 23.93 -2.94 5.56
CA LEU C 37 23.57 -1.55 5.32
C LEU C 37 22.60 -1.10 6.39
N SER C 38 22.90 0.03 7.03
CA SER C 38 21.99 0.61 8.00
C SER C 38 21.03 1.54 7.27
N VAL C 39 19.74 1.27 7.39
CA VAL C 39 18.70 2.05 6.74
C VAL C 39 17.82 2.69 7.81
N ILE C 40 17.70 4.01 7.78
CA ILE C 40 16.79 4.72 8.67
C ILE C 40 15.50 4.96 7.92
N THR C 41 14.40 4.36 8.39
CA THR C 41 13.10 4.52 7.74
C THR C 41 12.27 5.63 8.38
N GLY C 42 12.65 6.03 9.59
CA GLY C 42 11.83 6.97 10.33
C GLY C 42 12.33 7.16 11.73
N ARG C 43 11.74 8.13 12.42
CA ARG C 43 12.14 8.48 13.78
C ARG C 43 10.88 8.52 14.64
N GLY C 44 9.80 7.97 14.10
CA GLY C 44 8.54 7.86 14.82
C GLY C 44 7.38 8.08 13.88
N GLY C 49 -0.12 8.03 8.36
CA GLY C 49 0.18 8.16 6.94
C GLY C 49 -0.18 6.94 6.12
N GLY C 50 -0.60 5.87 6.79
CA GLY C 50 -1.07 4.68 6.12
C GLY C 50 -0.14 4.12 5.04
N VAL C 51 -0.59 4.19 3.79
CA VAL C 51 0.17 3.67 2.65
C VAL C 51 1.36 4.56 2.30
N ALA C 52 1.44 5.74 2.92
CA ALA C 52 2.55 6.63 2.70
C ALA C 52 3.75 6.27 3.56
N ARG C 53 3.56 5.33 4.50
CA ARG C 53 4.64 5.04 5.44
C ARG C 53 5.83 4.34 4.79
N ILE C 54 7.01 4.88 5.09
CA ILE C 54 8.26 4.37 4.54
C ILE C 54 8.61 2.98 5.07
N LYS C 55 8.49 2.77 6.38
CA LYS C 55 8.92 1.49 6.95
C LYS C 55 8.21 0.27 6.37
N PRO C 56 6.87 0.30 6.28
CA PRO C 56 6.20 -0.89 5.71
C PRO C 56 6.57 -1.08 4.24
N ALA C 57 6.70 0.02 3.50
CA ALA C 57 7.15 -0.06 2.11
C ALA C 57 8.53 -0.73 2.01
N VAL C 58 9.48 -0.26 2.83
CA VAL C 58 10.85 -0.80 2.81
C VAL C 58 10.86 -2.27 3.22
N ILE C 59 10.10 -2.60 4.28
CA ILE C 59 9.97 -4.02 4.64
C ILE C 59 9.44 -4.90 3.50
N LYS C 60 8.38 -4.44 2.82
CA LYS C 60 7.77 -5.21 1.74
C LYS C 60 8.79 -5.45 0.65
N TYR C 61 9.48 -4.38 0.27
CA TYR C 61 10.57 -4.46 -0.70
C TYR C 61 11.62 -5.49 -0.30
N LEU C 62 12.08 -5.43 0.94
CA LEU C 62 13.17 -6.31 1.37
C LEU C 62 12.72 -7.78 1.34
N ILE C 63 11.55 -8.04 1.90
CA ILE C 63 11.07 -9.42 1.97
C ILE C 63 10.78 -9.96 0.58
N SER C 64 10.19 -9.14 -0.29
CA SER C 64 9.90 -9.52 -1.68
C SER C 64 11.15 -9.93 -2.46
N HIS C 65 12.29 -9.36 -2.09
CA HIS C 65 13.54 -9.62 -2.80
C HIS C 65 14.51 -10.49 -1.98
N SER C 66 13.98 -11.19 -0.98
CA SER C 66 14.77 -12.11 -0.15
C SER C 66 15.96 -11.48 0.57
N PHE C 67 15.85 -10.21 0.95
CA PHE C 67 16.87 -9.62 1.82
C PHE C 67 16.52 -9.96 3.26
N ARG C 68 17.54 -10.38 4.00
CA ARG C 68 17.41 -10.53 5.44
C ARG C 68 17.74 -9.23 6.14
N PHE C 69 17.07 -8.97 7.25
CA PHE C 69 17.35 -7.78 8.02
C PHE C 69 16.93 -7.93 9.47
N SER C 70 17.41 -7.05 10.33
CA SER C 70 16.89 -6.96 11.68
C SER C 70 16.55 -5.51 12.00
N GLU C 71 15.52 -5.29 12.82
CA GLU C 71 15.22 -3.93 13.26
C GLU C 71 15.69 -3.76 14.69
N ILE C 72 16.88 -3.20 14.82
CA ILE C 72 17.59 -3.14 16.09
C ILE C 72 16.97 -2.13 17.06
N LYS C 73 16.89 -0.86 16.63
CA LYS C 73 16.11 0.15 17.33
C LYS C 73 15.10 0.76 16.36
N PRO C 74 13.94 1.19 16.87
CA PRO C 74 12.77 1.53 16.05
C PRO C 74 13.11 2.53 14.93
N GLY C 75 12.73 2.21 13.70
CA GLY C 75 13.05 3.05 12.57
C GLY C 75 14.44 2.83 11.98
N CYS C 76 15.24 1.97 12.61
CA CYS C 76 16.55 1.62 12.05
C CYS C 76 16.66 0.13 11.71
N LEU C 77 16.86 -0.15 10.43
CA LEU C 77 16.98 -1.52 9.97
C LEU C 77 18.41 -1.83 9.58
N LYS C 78 18.90 -3.00 9.98
CA LYS C 78 20.20 -3.48 9.51
C LYS C 78 19.98 -4.54 8.46
N VAL C 79 20.35 -4.24 7.22
CA VAL C 79 20.05 -5.12 6.10
C VAL C 79 21.32 -5.90 5.74
N MET C 80 21.23 -7.22 5.78
CA MET C 80 22.38 -8.07 5.47
C MET C 80 22.68 -8.03 3.98
N LEU C 81 23.95 -7.84 3.62
CA LEU C 81 24.33 -7.74 2.23
C LEU C 81 24.73 -9.11 1.68
N SER D 2 -6.90 18.23 0.72
CA SER D 2 -7.13 19.61 1.14
C SER D 2 -8.03 20.35 0.13
N LEU D 3 -8.80 19.59 -0.64
CA LEU D 3 -9.90 20.15 -1.43
C LEU D 3 -11.04 20.59 -0.49
N ASP D 4 -11.35 21.89 -0.47
CA ASP D 4 -12.32 22.38 0.50
C ASP D 4 -13.64 22.70 -0.18
N LEU D 5 -14.64 21.87 0.05
CA LEU D 5 -15.95 21.99 -0.62
C LEU D 5 -17.05 22.65 0.22
N HIS D 6 -16.71 23.08 1.43
CA HIS D 6 -17.73 23.57 2.33
C HIS D 6 -18.38 24.81 1.75
N GLY D 7 -19.69 24.91 1.93
CA GLY D 7 -20.44 26.12 1.57
C GLY D 7 -20.70 26.27 0.08
N LEU D 8 -20.33 25.28 -0.71
CA LEU D 8 -20.53 25.35 -2.15
C LEU D 8 -21.87 24.76 -2.50
N HIS D 9 -22.44 25.20 -3.62
CA HIS D 9 -23.56 24.47 -4.21
C HIS D 9 -23.14 23.06 -4.59
N VAL D 10 -24.06 22.11 -4.45
CA VAL D 10 -23.70 20.71 -4.68
C VAL D 10 -23.14 20.46 -6.06
N ASP D 11 -23.77 21.03 -7.09
CA ASP D 11 -23.24 20.82 -8.43
C ASP D 11 -21.81 21.32 -8.59
N GLU D 12 -21.50 22.50 -8.01
CA GLU D 12 -20.13 22.99 -8.10
C GLU D 12 -19.19 22.11 -7.29
N ALA D 13 -19.58 21.73 -6.08
CA ALA D 13 -18.72 20.88 -5.23
C ALA D 13 -18.35 19.58 -5.94
N LEU D 14 -19.32 18.93 -6.58
CA LEU D 14 -19.03 17.67 -7.27
C LEU D 14 -18.21 17.89 -8.53
N GLU D 15 -18.38 19.06 -9.15
CA GLU D 15 -17.51 19.38 -10.29
C GLU D 15 -16.05 19.46 -9.87
N HIS D 16 -15.78 20.17 -8.77
CA HIS D 16 -14.42 20.22 -8.25
C HIS D 16 -13.92 18.86 -7.84
N LEU D 17 -14.74 18.11 -7.13
CA LEU D 17 -14.38 16.76 -6.71
C LEU D 17 -13.95 15.89 -7.90
N MET D 18 -14.77 15.87 -8.94
CA MET D 18 -14.51 15.02 -10.11
C MET D 18 -13.20 15.42 -10.79
N ARG D 19 -13.05 16.72 -11.04
CA ARG D 19 -11.85 17.24 -11.71
C ARG D 19 -10.58 16.99 -10.91
N VAL D 20 -10.64 17.30 -9.62
CA VAL D 20 -9.48 17.10 -8.77
C VAL D 20 -9.12 15.61 -8.65
N LEU D 21 -10.11 14.75 -8.42
CA LEU D 21 -9.80 13.32 -8.38
C LEU D 21 -9.15 12.85 -9.67
N GLU D 22 -9.70 13.27 -10.81
CA GLU D 22 -9.18 12.81 -12.09
C GLU D 22 -7.73 13.22 -12.20
N LYS D 23 -7.46 14.48 -11.86
CA LYS D 23 -6.12 15.03 -11.98
C LYS D 23 -5.11 14.35 -11.06
N LYS D 24 -5.42 14.31 -9.76
CA LYS D 24 -4.57 13.71 -8.75
C LYS D 24 -4.32 12.21 -9.03
N THR D 25 -5.33 11.50 -9.53
CA THR D 25 -5.17 10.08 -9.81
C THR D 25 -4.21 9.83 -10.99
N GLU D 26 -4.34 10.61 -12.05
CA GLU D 26 -3.40 10.52 -13.17
C GLU D 26 -2.01 10.94 -12.70
N GLU D 27 -1.96 11.98 -11.87
CA GLU D 27 -0.72 12.44 -11.27
C GLU D 27 -0.07 11.29 -10.49
N PHE D 28 -0.92 10.54 -9.79
CA PHE D 28 -0.49 9.41 -8.99
C PHE D 28 -0.09 8.23 -9.88
N LYS D 29 -0.90 7.94 -10.88
CA LYS D 29 -0.66 6.85 -11.82
C LYS D 29 0.70 6.96 -12.49
N GLN D 30 1.22 8.19 -12.60
CA GLN D 30 2.41 8.43 -13.41
C GLN D 30 3.57 9.02 -12.62
N ASN D 31 3.25 9.77 -11.57
CA ASN D 31 4.23 10.61 -10.89
C ASN D 31 4.50 10.17 -9.44
N GLY D 32 5.25 10.97 -8.70
CA GLY D 32 5.57 10.64 -7.31
C GLY D 32 4.97 11.56 -6.27
N GLY D 33 3.64 11.66 -6.25
CA GLY D 33 2.94 12.48 -5.26
C GLY D 33 2.32 11.71 -4.10
N LYS D 34 1.23 12.25 -3.55
CA LYS D 34 0.56 11.70 -2.38
C LYS D 34 -0.50 10.64 -2.75
N PRO D 35 -0.65 9.62 -1.89
CA PRO D 35 -1.51 8.45 -2.11
C PRO D 35 -3.00 8.72 -1.90
N TYR D 36 -3.36 9.86 -1.34
CA TYR D 36 -4.78 10.10 -1.13
C TYR D 36 -5.09 11.58 -1.24
N LEU D 37 -6.38 11.90 -1.26
CA LEU D 37 -6.83 13.28 -1.33
C LEU D 37 -7.70 13.55 -0.11
N SER D 38 -7.41 14.65 0.56
CA SER D 38 -8.19 15.06 1.72
C SER D 38 -9.30 16.02 1.26
N VAL D 39 -10.54 15.72 1.59
CA VAL D 39 -11.67 16.51 1.11
C VAL D 39 -12.46 17.08 2.28
N ILE D 40 -12.49 18.40 2.38
CA ILE D 40 -13.28 19.05 3.43
C ILE D 40 -14.70 19.26 2.95
N THR D 41 -15.65 18.67 3.66
CA THR D 41 -17.06 18.76 3.26
C THR D 41 -17.79 19.81 4.07
N GLY D 42 -17.17 20.26 5.15
CA GLY D 42 -17.77 21.30 5.95
C GLY D 42 -18.36 20.82 7.26
N ARG D 43 -19.09 21.72 7.89
CA ARG D 43 -19.61 21.56 9.24
C ARG D 43 -20.93 20.78 9.25
N GLY D 44 -22.01 21.44 8.83
CA GLY D 44 -23.30 20.80 8.67
C GLY D 44 -23.66 19.74 9.69
N SER D 47 -25.55 22.73 16.24
CA SER D 47 -26.95 22.96 16.59
C SER D 47 -27.77 23.28 15.34
N GLN D 48 -28.86 22.52 15.15
CA GLN D 48 -29.47 22.30 13.84
C GLN D 48 -30.52 23.32 13.37
N GLY D 49 -30.53 23.53 12.07
CA GLY D 49 -31.55 24.32 11.41
C GLY D 49 -32.20 23.50 10.31
N GLY D 50 -31.40 22.65 9.67
CA GLY D 50 -31.92 21.82 8.60
C GLY D 50 -30.96 20.78 8.04
N VAL D 51 -30.93 20.67 6.72
CA VAL D 51 -30.19 19.64 6.02
C VAL D 51 -28.96 20.19 5.32
N ALA D 52 -27.81 19.57 5.54
CA ALA D 52 -26.57 19.92 4.83
C ALA D 52 -26.29 18.83 3.78
N ARG D 53 -26.16 19.23 2.51
CA ARG D 53 -26.17 18.31 1.38
C ARG D 53 -24.78 17.93 0.88
N ILE D 54 -23.78 18.78 1.16
CA ILE D 54 -22.46 18.52 0.59
C ILE D 54 -21.90 17.13 0.94
N LYS D 55 -21.82 16.82 2.23
CA LYS D 55 -21.16 15.56 2.63
C LYS D 55 -21.89 14.33 2.05
N PRO D 56 -23.21 14.25 2.20
CA PRO D 56 -23.88 13.10 1.59
C PRO D 56 -23.68 13.02 0.08
N ALA D 57 -23.73 14.16 -0.62
CA ALA D 57 -23.50 14.15 -2.06
C ALA D 57 -22.12 13.60 -2.41
N VAL D 58 -21.11 14.08 -1.69
CA VAL D 58 -19.73 13.66 -1.90
C VAL D 58 -19.59 12.17 -1.62
N ILE D 59 -20.13 11.73 -0.48
CA ILE D 59 -20.14 10.29 -0.14
C ILE D 59 -20.83 9.44 -1.21
N LYS D 60 -21.96 9.89 -1.71
CA LYS D 60 -22.65 9.15 -2.76
C LYS D 60 -21.82 9.08 -4.04
N TYR D 61 -21.12 10.17 -4.35
CA TYR D 61 -20.27 10.20 -5.53
C TYR D 61 -19.11 9.20 -5.38
N LEU D 62 -18.51 9.19 -4.19
CA LEU D 62 -17.36 8.33 -3.92
C LEU D 62 -17.74 6.85 -4.01
N ILE D 63 -18.89 6.52 -3.44
CA ILE D 63 -19.34 5.13 -3.42
C ILE D 63 -19.70 4.65 -4.82
N SER D 64 -20.45 5.46 -5.56
CA SER D 64 -20.79 5.15 -6.95
C SER D 64 -19.57 4.90 -7.83
N HIS D 65 -18.41 5.45 -7.47
CA HIS D 65 -17.23 5.16 -8.27
C HIS D 65 -16.26 4.24 -7.55
N SER D 66 -16.77 3.55 -6.54
CA SER D 66 -16.01 2.56 -5.78
C SER D 66 -14.72 3.11 -5.21
N PHE D 67 -14.78 4.31 -4.66
CA PHE D 67 -13.64 4.87 -3.97
C PHE D 67 -13.59 4.35 -2.53
N ARG D 68 -12.39 4.08 -2.04
CA ARG D 68 -12.22 3.79 -0.62
C ARG D 68 -12.03 5.11 0.10
N PHE D 69 -12.79 5.33 1.17
CA PHE D 69 -12.58 6.54 1.94
C PHE D 69 -12.94 6.34 3.40
N SER D 70 -12.48 7.26 4.27
CA SER D 70 -12.93 7.27 5.66
C SER D 70 -13.02 8.69 6.17
N GLU D 71 -13.79 8.89 7.23
CA GLU D 71 -13.84 10.21 7.85
C GLU D 71 -12.96 10.26 9.08
N ILE D 72 -11.69 10.59 8.86
CA ILE D 72 -10.70 10.65 9.91
C ILE D 72 -10.93 11.87 10.79
N LYS D 73 -10.42 13.02 10.35
CA LYS D 73 -10.72 14.30 10.96
C LYS D 73 -12.15 14.71 10.60
N PRO D 74 -12.94 15.13 11.61
CA PRO D 74 -14.34 15.52 11.42
C PRO D 74 -14.55 16.50 10.25
N GLY D 75 -15.61 16.31 9.46
CA GLY D 75 -15.87 17.10 8.27
C GLY D 75 -14.85 16.93 7.16
N CYS D 76 -14.01 15.90 7.28
CA CYS D 76 -12.90 15.73 6.36
C CYS D 76 -12.72 14.27 5.96
N LEU D 77 -12.93 14.00 4.67
CA LEU D 77 -12.82 12.66 4.17
C LEU D 77 -11.44 12.44 3.57
N LYS D 78 -10.85 11.29 3.85
CA LYS D 78 -9.56 10.93 3.31
C LYS D 78 -9.83 9.90 2.24
N VAL D 79 -9.65 10.30 0.99
CA VAL D 79 -10.03 9.49 -0.14
C VAL D 79 -8.78 8.87 -0.73
N MET D 80 -8.76 7.53 -0.82
CA MET D 80 -7.60 6.82 -1.34
C MET D 80 -7.63 6.89 -2.86
N LEU D 81 -6.53 7.34 -3.47
CA LEU D 81 -6.45 7.46 -4.93
C LEU D 81 -6.19 6.15 -5.62
N LYS D 82 -6.89 5.95 -6.74
CA LYS D 82 -6.69 4.80 -7.61
C LYS D 82 -6.70 3.53 -6.78
#